data_3UWC
#
_entry.id   3UWC
#
_cell.length_a   76.899
_cell.length_b   76.899
_cell.length_c   144.630
_cell.angle_alpha   90.000
_cell.angle_beta   90.000
_cell.angle_gamma   90.000
#
_symmetry.space_group_name_H-M   'P 41 21 2'
#
loop_
_entity.id
_entity.type
_entity.pdbx_description
1 polymer 'Nucleotide-sugar aminotransferase'
2 non-polymer '1,4-DIETHYLENE DIOXIDE'
3 non-polymer 'SODIUM ION'
4 non-polymer 1,2-ETHANEDIOL
5 non-polymer "4'-DEOXY-4'-AMINOPYRIDOXAL-5'-PHOSPHATE"
6 water water
#
_entity_poly.entity_id   1
_entity_poly.type   'polypeptide(L)'
_entity_poly.pdbx_seq_one_letter_code
;SNA(MSE)RVPYSYLERQFADIEPYLNDLREFIKTADFTLGAELEKFEKRFAALHNAPHAIGVGTGTDALA(MSE)SFK
(MSE)LNIGAGDEVITCANTFIASVGAIVQAGATPVLVDSENGYVIDPEKIEAAITDKTKAI(MSE)PVHYTGNIAD
(MSE)PALAKIAKKHNLHIVEDACQTILGRINDKFVGSWGQFACFSLHPLKNLNVWSDAGVIITHSDEYAEKLRLYRNHG
LINRDVCVEYGINCR(MSE)DTIQAVIANRL(MSE)NQLETITEKRRGIAHLYDQSFVDLSEFIDVPVRREGVYHVFHIY
VLRVKYRDQLFQYLKDNGIEVKIHYPIA(MSE)HLQPAAKSLGYQQGDFP(MSE)AEKHGEAVITLPAHPYLTEEEINYI
IKKVREFYLEKHYN
;
_entity_poly.pdbx_strand_id   A
#
loop_
_chem_comp.id
_chem_comp.type
_chem_comp.name
_chem_comp.formula
DIO non-polymer '1,4-DIETHYLENE DIOXIDE' 'C4 H8 O2'
EDO non-polymer 1,2-ETHANEDIOL 'C2 H6 O2'
NA non-polymer 'SODIUM ION' 'Na 1'
PMP non-polymer 4'-DEOXY-4'-AMINOPYRIDOXAL-5'-PHOSPHATE 'C8 H13 N2 O5 P'
#
# COMPACT_ATOMS: atom_id res chain seq x y z
N MSE A 4 -9.04 10.08 27.95
CA MSE A 4 -9.61 9.49 26.74
C MSE A 4 -8.62 8.46 26.17
O MSE A 4 -7.43 8.69 26.16
CB MSE A 4 -9.88 10.58 25.70
CG MSE A 4 -11.17 10.39 24.91
SE MSE A 4 -11.38 11.72 23.48
CE MSE A 4 -11.29 13.35 24.55
N ARG A 5 -9.15 7.33 25.71
CA ARG A 5 -8.34 6.38 24.93
C ARG A 5 -8.81 6.43 23.49
N VAL A 6 -7.87 6.64 22.58
CA VAL A 6 -8.20 6.78 21.17
C VAL A 6 -7.54 5.65 20.40
N PRO A 7 -8.35 4.73 19.87
CA PRO A 7 -7.85 3.52 19.23
C PRO A 7 -7.21 3.79 17.88
N TYR A 8 -6.16 3.05 17.58
CA TYR A 8 -5.54 3.10 16.28
C TYR A 8 -6.43 2.34 15.29
N SER A 9 -6.92 1.19 15.74
CA SER A 9 -7.75 0.34 14.89
C SER A 9 -9.23 0.70 14.96
N TYR A 10 -9.88 0.67 13.80
CA TYR A 10 -11.29 1.02 13.66
C TYR A 10 -12.15 -0.22 13.43
N LEU A 11 -11.54 -1.40 13.43
CA LEU A 11 -12.26 -2.61 13.03
C LEU A 11 -13.50 -2.91 13.87
N GLU A 12 -13.39 -2.72 15.19
CA GLU A 12 -14.55 -2.96 16.06
C GLU A 12 -15.70 -2.03 15.73
N ARG A 13 -15.37 -0.80 15.35
CA ARG A 13 -16.39 0.18 14.97
C ARG A 13 -16.93 -0.08 13.58
N GLN A 14 -16.04 -0.36 12.65
CA GLN A 14 -16.41 -0.56 11.25
C GLN A 14 -17.40 -1.71 11.08
N PHE A 15 -17.20 -2.78 11.84
CA PHE A 15 -18.04 -3.96 11.71
C PHE A 15 -18.98 -4.14 12.91
N ALA A 16 -19.31 -3.03 13.56
CA ALA A 16 -20.25 -3.09 14.68
C ALA A 16 -21.67 -3.41 14.19
N ASP A 17 -22.04 -2.86 13.03
CA ASP A 17 -23.32 -3.19 12.42
C ASP A 17 -23.13 -4.47 11.61
N ILE A 18 -23.10 -5.59 12.32
CA ILE A 18 -22.61 -6.84 11.74
C ILE A 18 -23.67 -7.67 11.01
N GLU A 19 -24.93 -7.53 11.39
CA GLU A 19 -25.95 -8.44 10.87
C GLU A 19 -26.10 -8.47 9.33
N PRO A 20 -26.02 -7.29 8.68
CA PRO A 20 -26.08 -7.30 7.21
C PRO A 20 -24.99 -8.17 6.60
N TYR A 21 -23.79 -8.16 7.17
CA TYR A 21 -22.71 -9.03 6.70
C TYR A 21 -23.06 -10.50 6.94
N LEU A 22 -23.54 -10.80 8.14
CA LEU A 22 -23.93 -12.17 8.45
C LEU A 22 -25.10 -12.62 7.58
N ASN A 23 -26.03 -11.71 7.30
CA ASN A 23 -27.14 -12.00 6.40
C ASN A 23 -26.64 -12.35 5.00
N ASP A 24 -25.65 -11.61 4.52
CA ASP A 24 -25.04 -11.89 3.21
C ASP A 24 -24.40 -13.26 3.22
N LEU A 25 -23.70 -13.57 4.30
CA LEU A 25 -23.06 -14.87 4.45
C LEU A 25 -24.10 -15.99 4.49
N ARG A 26 -25.17 -15.76 5.26
CA ARG A 26 -26.22 -16.76 5.36
C ARG A 26 -26.71 -17.19 3.98
N GLU A 27 -26.92 -16.22 3.10
CA GLU A 27 -27.40 -16.51 1.75
C GLU A 27 -26.29 -17.09 0.88
N PHE A 28 -25.07 -16.61 1.09
CA PHE A 28 -23.95 -17.11 0.30
C PHE A 28 -23.71 -18.60 0.55
N ILE A 29 -23.78 -19.01 1.81
CA ILE A 29 -23.48 -20.40 2.15
C ILE A 29 -24.43 -21.36 1.44
N LYS A 30 -25.67 -20.93 1.26
CA LYS A 30 -26.64 -21.77 0.55
C LYS A 30 -26.18 -22.10 -0.87
N THR A 31 -25.41 -21.20 -1.48
CA THR A 31 -24.93 -21.41 -2.85
C THR A 31 -23.72 -22.33 -2.89
N ALA A 32 -23.02 -22.47 -1.76
CA ALA A 32 -21.80 -23.28 -1.70
C ALA A 32 -20.76 -22.91 -2.75
N ASP A 33 -20.77 -21.65 -3.19
CA ASP A 33 -19.93 -21.23 -4.31
C ASP A 33 -18.57 -20.75 -3.79
N PHE A 34 -17.87 -21.62 -3.05
CA PHE A 34 -16.67 -21.20 -2.32
C PHE A 34 -15.45 -20.84 -3.15
N THR A 35 -15.28 -21.49 -4.29
CA THR A 35 -14.03 -21.37 -5.04
C THR A 35 -14.20 -20.66 -6.39
N LEU A 36 -13.55 -19.52 -6.54
CA LEU A 36 -13.59 -18.73 -7.78
C LEU A 36 -15.03 -18.58 -8.24
N GLY A 37 -15.89 -18.11 -7.33
CA GLY A 37 -17.32 -18.08 -7.59
C GLY A 37 -17.80 -16.78 -8.19
N ALA A 38 -19.12 -16.70 -8.40
CA ALA A 38 -19.71 -15.52 -9.03
C ALA A 38 -19.42 -14.24 -8.26
N GLU A 39 -19.42 -14.31 -6.92
CA GLU A 39 -19.20 -13.11 -6.13
C GLU A 39 -17.81 -12.54 -6.36
N LEU A 40 -16.85 -13.40 -6.62
CA LEU A 40 -15.48 -12.94 -6.88
C LEU A 40 -15.41 -12.18 -8.18
N GLU A 41 -16.06 -12.70 -9.21
CA GLU A 41 -16.10 -11.99 -10.49
C GLU A 41 -16.81 -10.64 -10.34
N LYS A 42 -17.89 -10.61 -9.56
CA LYS A 42 -18.59 -9.35 -9.32
C LYS A 42 -17.65 -8.35 -8.67
N PHE A 43 -16.95 -8.80 -7.64
CA PHE A 43 -15.98 -7.94 -6.97
C PHE A 43 -14.91 -7.42 -7.92
N GLU A 44 -14.30 -8.34 -8.67
CA GLU A 44 -13.22 -7.97 -9.60
C GLU A 44 -13.67 -6.89 -10.58
N LYS A 45 -14.85 -7.07 -11.16
CA LYS A 45 -15.36 -6.09 -12.11
C LYS A 45 -15.53 -4.71 -11.48
N ARG A 46 -16.02 -4.68 -10.23
N ARG A 46 -16.03 -4.68 -10.24
CA ARG A 46 -16.22 -3.41 -9.54
CA ARG A 46 -16.22 -3.42 -9.54
C ARG A 46 -14.87 -2.77 -9.20
C ARG A 46 -14.88 -2.78 -9.19
N PHE A 47 -13.93 -3.60 -8.75
CA PHE A 47 -12.61 -3.11 -8.36
C PHE A 47 -11.81 -2.58 -9.56
N ALA A 48 -11.84 -3.32 -10.67
CA ALA A 48 -11.23 -2.83 -11.91
C ALA A 48 -11.84 -1.49 -12.32
N ALA A 49 -13.16 -1.39 -12.25
CA ALA A 49 -13.86 -0.18 -12.65
C ALA A 49 -13.46 1.03 -11.78
N LEU A 50 -13.18 0.78 -10.50
CA LEU A 50 -12.78 1.85 -9.58
C LEU A 50 -11.52 2.56 -10.06
N HIS A 51 -10.67 1.83 -10.77
CA HIS A 51 -9.41 2.38 -11.24
C HIS A 51 -9.40 2.53 -12.75
N ASN A 52 -10.59 2.54 -13.34
CA ASN A 52 -10.72 2.67 -14.78
C ASN A 52 -9.78 1.73 -15.53
N ALA A 53 -9.76 0.48 -15.09
CA ALA A 53 -8.93 -0.53 -15.71
C ALA A 53 -9.81 -1.65 -16.23
N PRO A 54 -9.36 -2.35 -17.27
CA PRO A 54 -10.21 -3.40 -17.84
C PRO A 54 -10.22 -4.71 -17.05
N HIS A 55 -9.16 -5.00 -16.30
CA HIS A 55 -9.04 -6.29 -15.62
C HIS A 55 -8.59 -6.15 -14.17
N ALA A 56 -9.27 -6.87 -13.28
CA ALA A 56 -8.76 -7.09 -11.92
C ALA A 56 -8.77 -8.60 -11.65
N ILE A 57 -7.68 -9.09 -11.07
CA ILE A 57 -7.53 -10.50 -10.76
C ILE A 57 -7.30 -10.67 -9.27
N GLY A 58 -8.26 -11.29 -8.59
CA GLY A 58 -8.18 -11.48 -7.14
C GLY A 58 -7.23 -12.62 -6.84
N VAL A 59 -6.23 -12.36 -6.00
CA VAL A 59 -5.25 -13.39 -5.66
C VAL A 59 -5.12 -13.51 -4.14
N GLY A 60 -4.22 -14.37 -3.68
CA GLY A 60 -4.16 -14.69 -2.26
C GLY A 60 -3.75 -13.57 -1.33
N THR A 61 -2.77 -12.78 -1.72
CA THR A 61 -2.27 -11.70 -0.87
C THR A 61 -1.68 -10.62 -1.76
N GLY A 62 -1.48 -9.43 -1.22
CA GLY A 62 -0.80 -8.38 -1.98
C GLY A 62 0.64 -8.72 -2.31
N THR A 63 1.32 -9.40 -1.39
CA THR A 63 2.69 -9.82 -1.60
C THR A 63 2.76 -10.78 -2.79
N ASP A 64 1.83 -11.73 -2.82
CA ASP A 64 1.74 -12.66 -3.94
C ASP A 64 1.40 -11.93 -5.22
N ALA A 65 0.55 -10.90 -5.13
CA ALA A 65 0.20 -10.11 -6.31
C ALA A 65 1.46 -9.58 -6.98
N LEU A 66 2.35 -8.99 -6.19
CA LEU A 66 3.61 -8.48 -6.71
C LEU A 66 4.48 -9.61 -7.28
N ALA A 67 4.66 -10.69 -6.52
CA ALA A 67 5.50 -11.79 -6.99
C ALA A 67 4.98 -12.40 -8.29
N MSE A 68 3.66 -12.55 -8.38
N MSE A 68 3.66 -12.52 -8.37
CA MSE A 68 3.03 -13.10 -9.58
CA MSE A 68 3.02 -13.08 -9.55
C MSE A 68 3.19 -12.16 -10.78
C MSE A 68 3.22 -12.16 -10.76
O MSE A 68 3.34 -12.61 -11.91
O MSE A 68 3.43 -12.63 -11.88
CB MSE A 68 1.54 -13.37 -9.33
CB MSE A 68 1.53 -13.25 -9.27
CG MSE A 68 1.28 -14.47 -8.29
CG MSE A 68 0.82 -14.13 -10.26
SE MSE A 68 -0.49 -14.42 -7.49
SE MSE A 68 -1.01 -14.43 -9.70
CE MSE A 68 -1.43 -15.52 -8.79
CE MSE A 68 -0.78 -16.04 -8.63
N SER A 69 3.16 -10.85 -10.53
CA SER A 69 3.40 -9.87 -11.59
C SER A 69 4.80 -10.05 -12.17
N PHE A 70 5.80 -10.22 -11.31
CA PHE A 70 7.15 -10.47 -11.79
C PHE A 70 7.23 -11.77 -12.57
N LYS A 71 6.55 -12.81 -12.09
CA LYS A 71 6.50 -14.07 -12.82
C LYS A 71 5.99 -13.86 -14.26
N MSE A 72 4.91 -13.09 -14.40
CA MSE A 72 4.33 -12.86 -15.72
C MSE A 72 5.33 -12.18 -16.66
O MSE A 72 5.32 -12.40 -17.86
CB MSE A 72 3.05 -12.00 -15.64
CG MSE A 72 1.90 -12.64 -14.85
SE MSE A 72 1.32 -14.36 -15.60
CE MSE A 72 2.35 -15.58 -14.49
N LEU A 73 6.18 -11.34 -16.08
CA LEU A 73 7.17 -10.59 -16.85
C LEU A 73 8.48 -11.35 -17.02
N ASN A 74 8.52 -12.59 -16.55
N ASN A 74 8.52 -12.61 -16.57
CA ASN A 74 9.74 -13.40 -16.64
CA ASN A 74 9.73 -13.42 -16.62
C ASN A 74 10.89 -12.75 -15.86
C ASN A 74 10.88 -12.76 -15.86
N ILE A 75 10.54 -12.11 -14.75
CA ILE A 75 11.54 -11.48 -13.91
C ILE A 75 11.78 -12.39 -12.71
N GLY A 76 13.02 -12.83 -12.54
CA GLY A 76 13.35 -13.81 -11.52
C GLY A 76 14.84 -13.91 -11.27
N ALA A 77 15.34 -15.13 -11.14
CA ALA A 77 16.75 -15.35 -10.84
C ALA A 77 17.64 -14.60 -11.82
N GLY A 78 18.61 -13.88 -11.28
CA GLY A 78 19.57 -13.16 -12.11
C GLY A 78 19.12 -11.75 -12.51
N ASP A 79 17.89 -11.40 -12.17
CA ASP A 79 17.35 -10.09 -12.53
C ASP A 79 17.37 -9.16 -11.32
N GLU A 80 17.49 -7.87 -11.56
CA GLU A 80 17.38 -6.87 -10.50
C GLU A 80 16.09 -6.06 -10.63
N VAL A 81 15.49 -5.74 -9.48
CA VAL A 81 14.31 -4.91 -9.42
C VAL A 81 14.59 -3.76 -8.48
N ILE A 82 14.46 -2.54 -8.98
CA ILE A 82 14.68 -1.36 -8.16
C ILE A 82 13.43 -0.98 -7.38
N THR A 83 13.59 -0.81 -6.07
CA THR A 83 12.51 -0.31 -5.25
C THR A 83 13.04 0.65 -4.17
N CYS A 84 12.17 1.07 -3.26
CA CYS A 84 12.56 2.11 -2.30
C CYS A 84 13.01 1.51 -0.96
N ALA A 85 14.03 2.12 -0.35
CA ALA A 85 14.55 1.64 0.93
C ALA A 85 13.58 1.92 2.06
N ASN A 86 12.64 2.82 1.81
CA ASN A 86 11.65 3.23 2.80
C ASN A 86 10.29 2.64 2.42
N THR A 87 9.99 1.47 2.97
CA THR A 87 8.72 0.78 2.67
C THR A 87 8.49 -0.36 3.64
N PHE A 88 7.35 -1.03 3.50
CA PHE A 88 7.05 -2.20 4.31
C PHE A 88 7.80 -3.42 3.76
N ILE A 89 8.14 -4.34 4.65
CA ILE A 89 8.97 -5.50 4.29
C ILE A 89 8.46 -6.26 3.06
N ALA A 90 7.14 -6.37 2.90
CA ALA A 90 6.56 -7.17 1.83
C ALA A 90 6.99 -6.67 0.45
N SER A 91 7.23 -5.37 0.31
CA SER A 91 7.70 -4.82 -0.96
C SER A 91 8.97 -5.54 -1.42
N VAL A 92 9.95 -5.61 -0.52
CA VAL A 92 11.22 -6.29 -0.85
C VAL A 92 11.06 -7.80 -0.84
N GLY A 93 10.28 -8.30 0.11
CA GLY A 93 10.01 -9.72 0.19
C GLY A 93 9.45 -10.29 -1.10
N ALA A 94 8.55 -9.54 -1.75
CA ALA A 94 7.95 -10.01 -2.98
C ALA A 94 8.98 -10.17 -4.11
N ILE A 95 9.96 -9.28 -4.15
CA ILE A 95 11.01 -9.34 -5.17
C ILE A 95 11.82 -10.61 -4.96
N VAL A 96 12.19 -10.85 -3.71
CA VAL A 96 12.97 -12.03 -3.35
C VAL A 96 12.18 -13.31 -3.59
N GLN A 97 10.88 -13.27 -3.28
CA GLN A 97 9.99 -14.41 -3.52
C GLN A 97 9.99 -14.83 -4.99
N ALA A 98 10.03 -13.85 -5.88
CA ALA A 98 10.07 -14.10 -7.32
C ALA A 98 11.43 -14.63 -7.78
N GLY A 99 12.41 -14.54 -6.89
CA GLY A 99 13.77 -14.98 -7.20
C GLY A 99 14.68 -13.87 -7.69
N ALA A 100 14.16 -12.65 -7.76
CA ALA A 100 14.94 -11.51 -8.21
C ALA A 100 15.74 -10.86 -7.09
N THR A 101 16.66 -9.98 -7.46
CA THR A 101 17.51 -9.28 -6.51
C THR A 101 17.01 -7.86 -6.32
N PRO A 102 16.63 -7.51 -5.09
CA PRO A 102 16.13 -6.16 -4.84
C PRO A 102 17.28 -5.17 -4.77
N VAL A 103 17.09 -4.03 -5.39
CA VAL A 103 18.07 -2.95 -5.38
C VAL A 103 17.35 -1.72 -4.83
N LEU A 104 17.96 -1.06 -3.85
CA LEU A 104 17.25 -0.04 -3.09
C LEU A 104 17.70 1.36 -3.46
N VAL A 105 16.74 2.29 -3.42
N VAL A 105 16.76 2.30 -3.49
CA VAL A 105 16.95 3.71 -3.69
CA VAL A 105 17.11 3.70 -3.61
C VAL A 105 16.27 4.50 -2.58
C VAL A 105 16.29 4.51 -2.61
N ASP A 106 16.80 5.67 -2.23
CA ASP A 106 16.25 6.46 -1.13
C ASP A 106 14.88 7.05 -1.44
N SER A 107 14.17 7.46 -0.39
CA SER A 107 12.87 8.11 -0.55
C SER A 107 13.04 9.63 -0.56
N GLU A 108 11.95 10.36 -0.81
CA GLU A 108 11.99 11.82 -0.81
C GLU A 108 11.01 12.42 0.20
N ASN A 109 10.67 13.69 0.03
CA ASN A 109 9.89 14.42 1.03
C ASN A 109 8.58 13.75 1.46
N GLY A 110 7.94 13.01 0.55
CA GLY A 110 6.64 12.41 0.84
C GLY A 110 6.65 10.91 1.04
N TYR A 111 7.81 10.36 1.39
CA TYR A 111 7.95 8.93 1.69
C TYR A 111 7.93 8.02 0.45
N VAL A 112 8.03 8.58 -0.75
CA VAL A 112 8.05 7.75 -1.95
C VAL A 112 9.43 7.74 -2.59
N ILE A 113 9.64 6.81 -3.51
CA ILE A 113 10.94 6.66 -4.17
C ILE A 113 11.40 7.95 -4.84
N ASP A 114 12.67 8.32 -4.65
CA ASP A 114 13.19 9.57 -5.20
C ASP A 114 13.56 9.37 -6.67
N PRO A 115 12.80 9.98 -7.59
CA PRO A 115 13.04 9.70 -9.01
C PRO A 115 14.47 10.06 -9.43
N GLU A 116 15.05 11.06 -8.77
CA GLU A 116 16.38 11.53 -9.13
C GLU A 116 17.50 10.57 -8.73
N LYS A 117 17.15 9.53 -7.97
N LYS A 117 17.15 9.53 -7.96
CA LYS A 117 18.15 8.57 -7.49
CA LYS A 117 18.11 8.56 -7.45
C LYS A 117 18.03 7.22 -8.18
C LYS A 117 18.02 7.22 -8.17
N ILE A 118 17.05 7.09 -9.06
CA ILE A 118 16.81 5.80 -9.74
C ILE A 118 17.88 5.42 -10.78
N GLU A 119 18.25 6.33 -11.67
CA GLU A 119 19.17 6.00 -12.75
C GLU A 119 20.53 5.48 -12.23
N ALA A 120 21.02 6.05 -11.15
CA ALA A 120 22.30 5.62 -10.60
C ALA A 120 22.27 4.15 -10.18
N ALA A 121 21.08 3.63 -9.90
CA ALA A 121 20.96 2.24 -9.44
C ALA A 121 20.76 1.24 -10.59
N ILE A 122 20.61 1.74 -11.80
CA ILE A 122 20.36 0.86 -12.94
C ILE A 122 21.64 0.13 -13.37
N THR A 123 21.51 -1.16 -13.66
CA THR A 123 22.61 -1.96 -14.18
C THR A 123 22.15 -2.80 -15.35
N ASP A 124 23.06 -3.59 -15.90
N ASP A 124 23.07 -3.60 -15.89
CA ASP A 124 22.75 -4.53 -16.98
CA ASP A 124 22.76 -4.52 -16.98
C ASP A 124 21.68 -5.54 -16.56
C ASP A 124 21.73 -5.57 -16.56
N LYS A 125 21.54 -5.72 -15.25
CA LYS A 125 20.64 -6.75 -14.74
C LYS A 125 19.24 -6.23 -14.41
N THR A 126 19.08 -4.91 -14.37
CA THR A 126 17.80 -4.33 -14.01
C THR A 126 16.76 -4.69 -15.07
N LYS A 127 15.60 -5.14 -14.61
CA LYS A 127 14.50 -5.48 -15.51
C LYS A 127 13.25 -4.66 -15.20
N ALA A 128 13.16 -4.12 -13.99
CA ALA A 128 11.97 -3.38 -13.60
C ALA A 128 12.21 -2.38 -12.47
N ILE A 129 11.33 -1.40 -12.38
CA ILE A 129 11.25 -0.51 -11.24
C ILE A 129 9.92 -0.83 -10.55
N MSE A 130 9.96 -0.92 -9.22
CA MSE A 130 8.75 -1.18 -8.47
C MSE A 130 8.54 -0.03 -7.49
O MSE A 130 8.95 -0.12 -6.33
CB MSE A 130 8.83 -2.49 -7.69
CG MSE A 130 7.47 -3.03 -7.26
SE MSE A 130 7.66 -4.45 -5.94
CE MSE A 130 7.87 -3.31 -4.42
N PRO A 131 7.95 1.06 -7.96
CA PRO A 131 7.62 2.16 -7.05
C PRO A 131 6.61 1.70 -6.02
N VAL A 132 6.67 2.24 -4.81
CA VAL A 132 5.69 1.93 -3.79
C VAL A 132 4.88 3.17 -3.51
N HIS A 133 3.56 3.04 -3.57
CA HIS A 133 2.70 4.19 -3.32
C HIS A 133 2.50 4.27 -1.82
N TYR A 134 3.60 4.57 -1.13
CA TYR A 134 3.74 4.34 0.30
C TYR A 134 2.99 5.37 1.16
N THR A 135 2.33 4.87 2.20
CA THR A 135 1.43 5.64 3.08
C THR A 135 0.15 6.09 2.39
N GLY A 136 0.00 5.74 1.11
CA GLY A 136 -1.11 6.22 0.31
C GLY A 136 -0.74 7.34 -0.63
N ASN A 137 0.49 7.84 -0.52
CA ASN A 137 1.00 8.84 -1.46
C ASN A 137 1.27 8.12 -2.78
N ILE A 138 1.19 8.84 -3.89
CA ILE A 138 1.50 8.25 -5.19
C ILE A 138 2.91 8.65 -5.59
N ALA A 139 3.73 7.68 -5.96
CA ALA A 139 5.06 7.98 -6.50
C ALA A 139 4.93 8.86 -7.75
N ASP A 140 6.01 9.53 -8.12
CA ASP A 140 6.00 10.46 -9.25
C ASP A 140 6.06 9.66 -10.54
N MSE A 141 4.91 9.14 -10.94
CA MSE A 141 4.86 8.17 -12.04
C MSE A 141 5.26 8.71 -13.41
O MSE A 141 5.91 8.01 -14.18
CB MSE A 141 3.51 7.44 -12.07
CG MSE A 141 3.27 6.59 -10.83
SE MSE A 141 4.77 5.40 -10.37
CE MSE A 141 4.80 4.34 -12.03
N PRO A 142 4.88 9.97 -13.75
CA PRO A 142 5.36 10.46 -15.05
C PRO A 142 6.89 10.46 -15.12
N ALA A 143 7.55 10.83 -14.03
CA ALA A 143 9.02 10.82 -14.00
C ALA A 143 9.56 9.41 -14.10
N LEU A 144 8.94 8.49 -13.36
CA LEU A 144 9.36 7.10 -13.39
C LEU A 144 9.14 6.47 -14.76
N ALA A 145 8.00 6.79 -15.40
CA ALA A 145 7.71 6.26 -16.72
C ALA A 145 8.78 6.70 -17.73
N LYS A 146 9.19 7.96 -17.64
CA LYS A 146 10.24 8.49 -18.52
C LYS A 146 11.53 7.70 -18.37
N ILE A 147 11.94 7.47 -17.13
CA ILE A 147 13.15 6.71 -16.83
C ILE A 147 13.03 5.27 -17.33
N ALA A 148 11.88 4.65 -17.09
CA ALA A 148 11.67 3.26 -17.51
C ALA A 148 11.74 3.12 -19.02
N LYS A 149 11.12 4.06 -19.73
CA LYS A 149 11.12 4.06 -21.18
C LYS A 149 12.55 4.21 -21.70
N LYS A 150 13.29 5.16 -21.13
CA LYS A 150 14.66 5.41 -21.56
C LYS A 150 15.53 4.16 -21.45
N HIS A 151 15.29 3.36 -20.41
CA HIS A 151 16.15 2.20 -20.13
C HIS A 151 15.46 0.86 -20.40
N ASN A 152 14.33 0.90 -21.10
N ASN A 152 14.33 0.91 -21.10
CA ASN A 152 13.61 -0.32 -21.44
CA ASN A 152 13.59 -0.30 -21.45
C ASN A 152 13.30 -1.20 -20.24
C ASN A 152 13.31 -1.19 -20.24
N LEU A 153 12.73 -0.59 -19.20
CA LEU A 153 12.42 -1.33 -17.98
C LEU A 153 10.91 -1.46 -17.80
N HIS A 154 10.47 -2.57 -17.22
CA HIS A 154 9.07 -2.74 -16.85
C HIS A 154 8.80 -1.96 -15.58
N ILE A 155 7.54 -1.63 -15.36
CA ILE A 155 7.11 -1.06 -14.09
C ILE A 155 6.05 -1.95 -13.45
N VAL A 156 6.23 -2.25 -12.17
CA VAL A 156 5.17 -2.89 -11.41
C VAL A 156 4.85 -1.94 -10.27
N GLU A 157 3.61 -1.50 -10.16
CA GLU A 157 3.26 -0.56 -9.10
C GLU A 157 2.84 -1.27 -7.82
N ASP A 158 3.54 -1.01 -6.73
CA ASP A 158 3.11 -1.55 -5.44
C ASP A 158 2.10 -0.58 -4.84
N ALA A 159 0.82 -0.84 -5.10
CA ALA A 159 -0.25 0.01 -4.60
C ALA A 159 -0.97 -0.59 -3.39
N CYS A 160 -0.27 -1.39 -2.59
CA CYS A 160 -0.97 -2.12 -1.52
C CYS A 160 -1.50 -1.25 -0.39
N GLN A 161 -1.13 0.02 -0.39
CA GLN A 161 -1.69 0.99 0.54
C GLN A 161 -2.47 2.07 -0.18
N THR A 162 -3.00 1.76 -1.36
CA THR A 162 -3.37 2.85 -2.28
C THR A 162 -4.56 2.59 -3.20
N ILE A 163 -5.58 1.92 -2.68
CA ILE A 163 -6.82 1.76 -3.43
C ILE A 163 -7.42 3.15 -3.69
N LEU A 164 -7.78 3.41 -4.95
CA LEU A 164 -8.30 4.70 -5.42
C LEU A 164 -7.21 5.73 -5.70
N GLY A 165 -5.95 5.33 -5.57
CA GLY A 165 -4.86 6.25 -5.85
C GLY A 165 -4.88 6.76 -7.27
N ARG A 166 -4.47 8.02 -7.47
CA ARG A 166 -4.63 8.67 -8.77
C ARG A 166 -3.79 9.92 -8.86
N ILE A 167 -3.33 10.26 -10.07
CA ILE A 167 -2.72 11.56 -10.33
C ILE A 167 -3.52 12.21 -11.45
N ASN A 168 -4.29 13.24 -11.11
CA ASN A 168 -5.21 13.87 -12.05
C ASN A 168 -6.01 12.85 -12.86
N ASP A 169 -5.78 12.80 -14.17
CA ASP A 169 -6.57 11.93 -15.05
C ASP A 169 -6.19 10.44 -15.02
N LYS A 170 -5.10 10.09 -14.34
CA LYS A 170 -4.61 8.72 -14.39
C LYS A 170 -4.62 8.01 -13.04
N PHE A 171 -5.40 6.95 -12.93
CA PHE A 171 -5.39 6.12 -11.72
C PHE A 171 -4.11 5.29 -11.65
N VAL A 172 -3.72 4.91 -10.43
CA VAL A 172 -2.66 3.93 -10.28
C VAL A 172 -2.98 2.74 -11.17
N GLY A 173 -1.96 2.15 -11.77
CA GLY A 173 -2.15 1.13 -12.79
C GLY A 173 -2.02 1.67 -14.21
N SER A 174 -1.94 2.99 -14.32
CA SER A 174 -1.86 3.62 -15.65
C SER A 174 -0.47 3.47 -16.26
N TRP A 175 0.52 3.24 -15.41
CA TRP A 175 1.92 3.30 -15.84
C TRP A 175 2.61 1.92 -15.89
N GLY A 176 2.36 1.08 -14.89
CA GLY A 176 2.97 -0.23 -14.86
C GLY A 176 2.21 -1.25 -15.70
N GLN A 177 2.88 -2.33 -16.09
CA GLN A 177 2.16 -3.46 -16.69
C GLN A 177 1.14 -3.98 -15.69
N PHE A 178 1.48 -3.89 -14.41
CA PHE A 178 0.59 -4.30 -13.32
C PHE A 178 0.59 -3.27 -12.20
N ALA A 179 -0.54 -3.20 -11.50
CA ALA A 179 -0.60 -2.54 -10.21
C ALA A 179 -1.18 -3.54 -9.22
N CYS A 180 -0.58 -3.64 -8.04
CA CYS A 180 -0.96 -4.65 -7.06
C CYS A 180 -1.50 -4.03 -5.77
N PHE A 181 -2.56 -4.61 -5.23
CA PHE A 181 -3.25 -4.07 -4.06
C PHE A 181 -3.46 -5.16 -3.01
N SER A 182 -3.85 -4.75 -1.79
CA SER A 182 -4.13 -5.65 -0.67
C SER A 182 -5.47 -5.30 -0.04
N LEU A 183 -6.25 -6.30 0.35
CA LEU A 183 -7.47 -6.04 1.14
C LEU A 183 -7.30 -6.54 2.58
N HIS A 184 -6.07 -6.83 2.99
CA HIS A 184 -5.84 -7.34 4.34
C HIS A 184 -5.95 -6.20 5.36
N PRO A 185 -6.77 -6.39 6.40
CA PRO A 185 -6.90 -5.30 7.37
C PRO A 185 -5.53 -4.93 7.99
N LEU A 186 -5.27 -3.64 8.19
CA LEU A 186 -6.21 -2.56 7.86
C LEU A 186 -5.98 -1.99 6.45
N LYS A 187 -7.06 -1.71 5.73
CA LYS A 187 -7.03 -0.97 4.45
C LYS A 187 -8.31 -0.17 4.34
N ASN A 188 -8.32 0.87 3.49
CA ASN A 188 -9.57 1.57 3.24
C ASN A 188 -10.67 0.60 2.78
N LEU A 189 -10.27 -0.40 1.99
CA LEU A 189 -11.15 -1.53 1.69
C LEU A 189 -10.52 -2.80 2.25
N ASN A 190 -11.00 -3.27 3.40
CA ASN A 190 -10.46 -4.50 3.98
C ASN A 190 -11.50 -5.57 4.22
N VAL A 191 -11.12 -6.81 3.95
CA VAL A 191 -11.99 -7.95 4.20
C VAL A 191 -11.62 -8.59 5.54
N TRP A 192 -12.02 -9.84 5.76
CA TRP A 192 -11.82 -10.48 7.07
C TRP A 192 -10.68 -11.48 7.06
N SER A 193 -9.68 -11.23 6.22
CA SER A 193 -8.59 -12.17 6.02
C SER A 193 -7.54 -11.55 5.09
N ASP A 194 -6.55 -12.34 4.71
CA ASP A 194 -5.67 -11.96 3.62
C ASP A 194 -6.42 -11.95 2.28
N ALA A 195 -5.99 -11.06 1.39
CA ALA A 195 -6.48 -10.97 0.01
C ALA A 195 -5.65 -9.99 -0.78
N GLY A 196 -5.38 -10.31 -2.05
CA GLY A 196 -4.68 -9.39 -2.94
C GLY A 196 -5.44 -9.16 -4.24
N VAL A 197 -5.08 -8.11 -4.97
CA VAL A 197 -5.67 -7.87 -6.28
C VAL A 197 -4.62 -7.35 -7.24
N ILE A 198 -4.60 -7.91 -8.44
CA ILE A 198 -3.76 -7.37 -9.51
C ILE A 198 -4.65 -6.70 -10.55
N ILE A 199 -4.33 -5.47 -10.92
N ILE A 199 -4.29 -5.48 -10.93
CA ILE A 199 -5.00 -4.89 -12.08
CA ILE A 199 -4.92 -4.79 -12.03
C ILE A 199 -4.01 -4.74 -13.22
C ILE A 199 -3.97 -4.76 -13.22
N THR A 200 -4.51 -4.86 -14.43
CA THR A 200 -3.69 -4.75 -15.62
C THR A 200 -4.57 -4.31 -16.77
N HIS A 201 -3.95 -3.72 -17.79
CA HIS A 201 -4.68 -3.35 -18.99
C HIS A 201 -4.44 -4.35 -20.11
N SER A 202 -3.66 -5.38 -19.80
CA SER A 202 -3.33 -6.41 -20.79
C SER A 202 -4.29 -7.59 -20.75
N ASP A 203 -4.98 -7.84 -21.86
CA ASP A 203 -5.87 -8.99 -21.96
C ASP A 203 -5.09 -10.28 -21.79
N GLU A 204 -3.92 -10.35 -22.42
CA GLU A 204 -3.11 -11.54 -22.37
C GLU A 204 -2.61 -11.83 -20.95
N TYR A 205 -2.06 -10.81 -20.30
CA TYR A 205 -1.59 -11.00 -18.93
C TYR A 205 -2.73 -11.36 -17.98
N ALA A 206 -3.91 -10.78 -18.21
CA ALA A 206 -5.04 -11.10 -17.35
C ALA A 206 -5.39 -12.59 -17.48
N GLU A 207 -5.45 -13.08 -18.72
CA GLU A 207 -5.75 -14.49 -18.94
C GLU A 207 -4.68 -15.37 -18.32
N LYS A 208 -3.42 -15.00 -18.51
CA LYS A 208 -2.34 -15.79 -17.95
C LYS A 208 -2.42 -15.84 -16.44
N LEU A 209 -2.76 -14.72 -15.80
CA LEU A 209 -2.87 -14.68 -14.35
C LEU A 209 -4.02 -15.53 -13.84
N ARG A 210 -5.12 -15.57 -14.60
CA ARG A 210 -6.25 -16.39 -14.17
C ARG A 210 -5.91 -17.88 -14.23
N LEU A 211 -5.03 -18.26 -15.14
CA LEU A 211 -4.51 -19.64 -15.17
C LEU A 211 -3.56 -19.87 -14.01
N TYR A 212 -2.61 -18.95 -13.85
CA TYR A 212 -1.53 -19.13 -12.89
C TYR A 212 -2.03 -19.22 -11.45
N ARG A 213 -3.07 -18.48 -11.12
CA ARG A 213 -3.58 -18.45 -9.74
C ARG A 213 -4.35 -19.72 -9.39
N ASN A 214 -4.59 -20.56 -10.39
CA ASN A 214 -5.46 -21.72 -10.24
C ASN A 214 -4.82 -22.96 -10.86
N HIS A 215 -3.58 -23.22 -10.46
CA HIS A 215 -2.82 -24.43 -10.82
C HIS A 215 -2.56 -24.58 -12.31
N GLY A 216 -2.73 -23.51 -13.08
CA GLY A 216 -2.59 -23.59 -14.53
C GLY A 216 -3.71 -24.36 -15.20
N LEU A 217 -4.81 -24.59 -14.47
CA LEU A 217 -5.93 -25.36 -15.00
C LEU A 217 -6.85 -24.53 -15.89
N ILE A 218 -6.94 -24.90 -17.16
CA ILE A 218 -7.87 -24.23 -18.07
C ILE A 218 -9.29 -24.79 -17.88
N ASN A 219 -9.34 -26.04 -17.42
CA ASN A 219 -10.57 -26.66 -16.94
C ASN A 219 -10.19 -27.76 -15.95
N ARG A 220 -11.17 -28.45 -15.37
CA ARG A 220 -10.85 -29.39 -14.30
C ARG A 220 -9.92 -30.54 -14.73
N ASP A 221 -9.85 -30.80 -16.03
CA ASP A 221 -9.12 -31.95 -16.54
C ASP A 221 -7.75 -31.62 -17.13
N VAL A 222 -7.49 -30.34 -17.39
CA VAL A 222 -6.31 -29.96 -18.15
C VAL A 222 -5.51 -28.81 -17.57
N CYS A 223 -4.23 -29.07 -17.29
CA CYS A 223 -3.29 -28.06 -16.84
C CYS A 223 -2.39 -27.69 -18.02
N VAL A 224 -2.48 -26.45 -18.48
CA VAL A 224 -1.75 -26.04 -19.67
C VAL A 224 -0.31 -25.65 -19.36
N GLU A 225 -0.06 -25.19 -18.13
CA GLU A 225 1.28 -24.81 -17.70
C GLU A 225 1.29 -24.76 -16.17
N TYR A 226 2.36 -25.22 -15.53
CA TYR A 226 2.34 -25.30 -14.07
C TYR A 226 2.03 -23.95 -13.46
N GLY A 227 1.20 -23.94 -12.41
CA GLY A 227 0.80 -22.70 -11.77
C GLY A 227 0.87 -22.89 -10.26
N ILE A 228 0.13 -22.04 -9.52
CA ILE A 228 0.16 -22.10 -8.06
C ILE A 228 -1.28 -22.03 -7.56
N ASN A 229 -1.47 -22.20 -6.26
CA ASN A 229 -2.80 -21.99 -5.69
C ASN A 229 -2.78 -20.65 -5.00
N CYS A 230 -3.29 -19.62 -5.67
CA CYS A 230 -3.21 -18.28 -5.09
C CYS A 230 -4.36 -17.42 -5.58
N ARG A 231 -5.58 -17.78 -5.18
CA ARG A 231 -6.74 -17.02 -5.61
C ARG A 231 -7.41 -16.35 -4.40
N MSE A 232 -8.07 -15.22 -4.63
CA MSE A 232 -8.82 -14.58 -3.55
C MSE A 232 -10.04 -15.44 -3.25
O MSE A 232 -10.61 -16.03 -4.17
CB MSE A 232 -9.23 -13.18 -3.97
CG MSE A 232 -10.09 -12.48 -2.96
SE MSE A 232 -10.35 -10.63 -3.56
CE MSE A 232 -11.83 -10.20 -2.34
N ASP A 233 -10.44 -15.54 -1.98
CA ASP A 233 -11.57 -16.38 -1.59
C ASP A 233 -12.89 -15.74 -1.98
N THR A 234 -13.78 -16.52 -2.59
CA THR A 234 -15.09 -16.02 -2.97
C THR A 234 -15.84 -15.45 -1.77
N ILE A 235 -15.69 -16.10 -0.62
CA ILE A 235 -16.43 -15.64 0.55
C ILE A 235 -15.94 -14.27 1.03
N GLN A 236 -14.66 -13.97 0.82
CA GLN A 236 -14.18 -12.64 1.17
C GLN A 236 -14.66 -11.58 0.18
N ALA A 237 -14.92 -11.98 -1.06
CA ALA A 237 -15.51 -11.07 -2.04
C ALA A 237 -16.90 -10.63 -1.58
N VAL A 238 -17.59 -11.51 -0.86
CA VAL A 238 -18.87 -11.14 -0.26
C VAL A 238 -18.70 -9.97 0.70
N ILE A 239 -17.68 -10.07 1.54
CA ILE A 239 -17.42 -9.03 2.52
C ILE A 239 -17.03 -7.75 1.79
N ALA A 240 -16.12 -7.88 0.83
CA ALA A 240 -15.65 -6.72 0.09
C ALA A 240 -16.78 -6.02 -0.66
N ASN A 241 -17.69 -6.81 -1.24
CA ASN A 241 -18.77 -6.23 -2.04
C ASN A 241 -19.68 -5.35 -1.19
N ARG A 242 -19.84 -5.68 0.09
CA ARG A 242 -20.64 -4.84 0.96
C ARG A 242 -19.85 -3.60 1.42
N LEU A 243 -18.63 -3.81 1.89
CA LEU A 243 -17.85 -2.71 2.44
C LEU A 243 -17.50 -1.66 1.38
N MSE A 244 -17.27 -2.10 0.15
N MSE A 244 -17.28 -2.13 0.15
CA MSE A 244 -16.81 -1.15 -0.86
CA MSE A 244 -16.86 -1.27 -0.95
C MSE A 244 -17.91 -0.17 -1.25
C MSE A 244 -17.91 -0.20 -1.28
O MSE A 244 -17.64 0.79 -1.97
O MSE A 244 -17.62 0.78 -1.95
CB MSE A 244 -16.23 -1.87 -2.06
CB MSE A 244 -16.51 -2.12 -2.20
CG MSE A 244 -17.25 -2.57 -2.91
CG MSE A 244 -15.88 -1.32 -3.37
SE MSE A 244 -16.38 -3.83 -4.10
SE MSE A 244 -15.13 -2.45 -4.83
CE MSE A 244 -15.04 -2.67 -4.92
CE MSE A 244 -16.29 -4.00 -4.63
N ASN A 245 -19.13 -0.40 -0.77
CA ASN A 245 -20.18 0.59 -0.96
C ASN A 245 -19.84 1.87 -0.21
N GLN A 246 -18.90 1.77 0.72
CA GLN A 246 -18.50 2.91 1.54
C GLN A 246 -17.07 3.34 1.26
N LEU A 247 -16.41 2.66 0.33
CA LEU A 247 -15.01 2.91 0.03
C LEU A 247 -14.68 4.36 -0.35
N GLU A 248 -15.46 4.94 -1.27
CA GLU A 248 -15.19 6.31 -1.69
C GLU A 248 -15.33 7.31 -0.55
N THR A 249 -16.40 7.16 0.23
N THR A 249 -16.39 7.16 0.24
CA THR A 249 -16.63 8.04 1.38
CA THR A 249 -16.63 8.04 1.37
C THR A 249 -15.58 7.86 2.48
C THR A 249 -15.58 7.85 2.47
N ILE A 250 -15.23 6.60 2.76
CA ILE A 250 -14.18 6.31 3.72
C ILE A 250 -12.88 7.04 3.33
N THR A 251 -12.53 6.93 2.06
CA THR A 251 -11.26 7.47 1.57
C THR A 251 -11.26 9.00 1.57
N GLU A 252 -12.35 9.61 1.14
CA GLU A 252 -12.42 11.07 1.12
C GLU A 252 -12.41 11.62 2.55
N LYS A 253 -13.13 10.96 3.45
N LYS A 253 -13.14 10.96 3.44
CA LYS A 253 -13.15 11.42 4.83
CA LYS A 253 -13.17 11.37 4.85
C LYS A 253 -11.75 11.30 5.45
C LYS A 253 -11.77 11.29 5.45
N ARG A 254 -11.02 10.26 5.06
CA ARG A 254 -9.67 10.08 5.58
C ARG A 254 -8.79 11.22 5.10
N ARG A 255 -8.95 11.62 3.84
CA ARG A 255 -8.24 12.80 3.34
C ARG A 255 -8.63 14.06 4.11
N GLY A 256 -9.91 14.17 4.47
CA GLY A 256 -10.37 15.33 5.20
C GLY A 256 -9.70 15.46 6.57
N ILE A 257 -9.58 14.32 7.24
CA ILE A 257 -8.89 14.28 8.52
C ILE A 257 -7.42 14.66 8.34
N ALA A 258 -6.78 14.08 7.32
CA ALA A 258 -5.38 14.41 7.06
C ALA A 258 -5.18 15.91 6.83
N HIS A 259 -6.08 16.51 6.06
CA HIS A 259 -5.99 17.94 5.78
C HIS A 259 -6.16 18.78 7.05
N LEU A 260 -7.07 18.37 7.91
CA LEU A 260 -7.27 19.05 9.19
C LEU A 260 -6.01 18.95 10.04
N TYR A 261 -5.40 17.76 10.09
CA TYR A 261 -4.12 17.63 10.77
C TYR A 261 -3.05 18.55 10.16
N ASP A 262 -2.92 18.52 8.83
CA ASP A 262 -1.93 19.38 8.16
C ASP A 262 -2.10 20.84 8.62
N GLN A 263 -3.34 21.31 8.60
CA GLN A 263 -3.65 22.70 8.98
C GLN A 263 -3.39 22.98 10.45
N SER A 264 -3.61 21.98 11.30
CA SER A 264 -3.51 22.16 12.75
C SER A 264 -2.08 22.23 13.25
N PHE A 265 -1.13 21.80 12.43
CA PHE A 265 0.27 21.75 12.83
C PHE A 265 1.14 22.70 12.02
N VAL A 266 0.51 23.55 11.21
CA VAL A 266 1.24 24.39 10.27
C VAL A 266 2.14 25.41 10.95
N ASP A 267 1.76 25.83 12.15
CA ASP A 267 2.55 26.83 12.89
C ASP A 267 3.63 26.20 13.77
N LEU A 268 3.73 24.88 13.73
CA LEU A 268 4.67 24.16 14.58
C LEU A 268 5.82 23.56 13.77
N SER A 269 6.18 24.22 12.68
CA SER A 269 7.20 23.72 11.77
C SER A 269 8.57 23.57 12.44
N GLU A 270 8.76 24.21 13.60
CA GLU A 270 9.98 24.01 14.37
C GLU A 270 10.07 22.57 14.88
N PHE A 271 8.90 21.97 15.11
CA PHE A 271 8.83 20.67 15.78
C PHE A 271 8.24 19.57 14.89
N ILE A 272 7.43 19.96 13.93
CA ILE A 272 6.68 19.01 13.12
C ILE A 272 6.83 19.31 11.63
N ASP A 273 7.27 18.31 10.89
CA ASP A 273 7.48 18.45 9.46
C ASP A 273 6.36 17.70 8.74
N VAL A 274 5.42 18.48 8.19
CA VAL A 274 4.31 17.94 7.39
C VAL A 274 4.78 17.84 5.95
N PRO A 275 4.73 16.64 5.37
CA PRO A 275 5.16 16.49 3.99
C PRO A 275 4.40 17.40 3.02
N VAL A 276 5.10 17.88 2.01
CA VAL A 276 4.43 18.63 0.94
C VAL A 276 3.42 17.72 0.27
N ARG A 277 2.22 18.25 0.03
CA ARG A 277 1.20 17.51 -0.69
C ARG A 277 1.30 17.89 -2.16
N ARG A 278 1.79 16.97 -2.98
CA ARG A 278 2.07 17.28 -4.38
C ARG A 278 0.80 17.58 -5.15
N GLU A 279 0.87 18.54 -6.07
CA GLU A 279 -0.30 18.95 -6.85
C GLU A 279 -0.85 17.81 -7.72
N GLY A 280 -2.16 17.67 -7.73
CA GLY A 280 -2.82 16.70 -8.58
C GLY A 280 -2.81 15.28 -8.03
N VAL A 281 -2.10 15.08 -6.93
CA VAL A 281 -1.88 13.73 -6.41
C VAL A 281 -2.93 13.36 -5.37
N TYR A 282 -3.76 12.37 -5.69
CA TYR A 282 -4.82 11.93 -4.80
C TYR A 282 -4.25 10.95 -3.78
N HIS A 283 -3.58 11.51 -2.78
CA HIS A 283 -3.02 10.76 -1.65
C HIS A 283 -4.18 10.16 -0.87
N VAL A 284 -4.19 8.84 -0.68
CA VAL A 284 -5.33 8.24 0.02
C VAL A 284 -5.11 8.05 1.53
N PHE A 285 -3.97 8.49 2.03
CA PHE A 285 -3.70 8.51 3.47
C PHE A 285 -4.05 7.20 4.15
N HIS A 286 -3.44 6.14 3.66
CA HIS A 286 -3.52 4.86 4.33
C HIS A 286 -3.10 5.04 5.79
N ILE A 287 -1.98 5.74 6.00
CA ILE A 287 -1.58 6.16 7.34
C ILE A 287 -1.15 7.62 7.30
N TYR A 288 -1.31 8.31 8.42
CA TYR A 288 -0.93 9.71 8.51
C TYR A 288 0.40 9.85 9.24
N VAL A 289 1.46 10.11 8.49
CA VAL A 289 2.80 10.06 9.03
C VAL A 289 3.46 11.42 9.05
N LEU A 290 3.97 11.81 10.21
CA LEU A 290 4.71 13.06 10.34
C LEU A 290 6.16 12.77 10.69
N ARG A 291 7.05 13.67 10.31
CA ARG A 291 8.40 13.67 10.86
C ARG A 291 8.43 14.70 12.00
N VAL A 292 8.85 14.28 13.19
CA VAL A 292 8.77 15.18 14.34
C VAL A 292 10.06 15.19 15.16
N LYS A 293 10.22 16.25 15.94
CA LYS A 293 11.35 16.36 16.86
C LYS A 293 10.97 15.68 18.17
N TYR A 294 11.98 15.16 18.87
CA TYR A 294 11.79 14.42 20.12
C TYR A 294 10.74 13.32 19.95
N ARG A 295 10.86 12.56 18.87
CA ARG A 295 9.87 11.55 18.49
C ARG A 295 9.60 10.52 19.59
N ASP A 296 10.64 9.94 20.16
CA ASP A 296 10.44 8.94 21.22
C ASP A 296 9.66 9.54 22.40
N GLN A 297 9.98 10.77 22.77
CA GLN A 297 9.31 11.43 23.88
C GLN A 297 7.85 11.76 23.56
N LEU A 298 7.60 12.25 22.35
CA LEU A 298 6.24 12.54 21.91
C LEU A 298 5.41 11.26 21.92
N PHE A 299 6.01 10.17 21.43
CA PHE A 299 5.33 8.89 21.37
C PHE A 299 4.91 8.42 22.76
N GLN A 300 5.85 8.43 23.70
CA GLN A 300 5.54 8.05 25.09
C GLN A 300 4.44 8.94 25.65
N TYR A 301 4.55 10.24 25.42
CA TYR A 301 3.59 11.20 25.94
C TYR A 301 2.17 10.94 25.41
N LEU A 302 2.03 10.75 24.09
CA LEU A 302 0.72 10.52 23.51
C LEU A 302 0.14 9.20 24.00
N LYS A 303 0.99 8.18 24.12
CA LYS A 303 0.55 6.90 24.66
C LYS A 303 0.09 7.05 26.11
N ASP A 304 0.84 7.81 26.91
CA ASP A 304 0.47 8.04 28.32
C ASP A 304 -0.85 8.76 28.40
N ASN A 305 -1.18 9.50 27.34
CA ASN A 305 -2.45 10.22 27.28
C ASN A 305 -3.55 9.48 26.49
N GLY A 306 -3.32 8.20 26.24
CA GLY A 306 -4.36 7.32 25.74
C GLY A 306 -4.51 7.25 24.22
N ILE A 307 -3.54 7.82 23.51
CA ILE A 307 -3.62 7.88 22.05
C ILE A 307 -2.73 6.81 21.46
N GLU A 308 -3.31 5.89 20.68
CA GLU A 308 -2.57 4.75 20.17
C GLU A 308 -1.74 5.11 18.94
N VAL A 309 -0.68 5.88 19.14
CA VAL A 309 0.23 6.20 18.06
C VAL A 309 1.07 4.98 17.70
N LYS A 310 1.67 5.00 16.51
CA LYS A 310 2.55 3.92 16.07
C LYS A 310 3.73 4.52 15.34
N ILE A 311 4.75 3.70 15.07
CA ILE A 311 5.86 4.12 14.24
C ILE A 311 5.97 3.22 13.01
N HIS A 312 5.83 3.80 11.82
CA HIS A 312 5.97 3.04 10.58
C HIS A 312 7.13 3.60 9.76
N TYR A 313 8.36 3.09 9.90
CA TYR A 313 8.76 2.03 10.83
C TYR A 313 10.14 2.42 11.33
N PRO A 314 10.55 1.91 12.51
CA PRO A 314 11.85 2.36 13.04
C PRO A 314 13.09 1.86 12.29
N ILE A 315 13.04 0.66 11.72
CA ILE A 315 14.22 0.08 11.09
C ILE A 315 14.08 -0.02 9.57
N ALA A 316 14.83 0.81 8.86
CA ALA A 316 14.71 0.90 7.40
C ALA A 316 15.13 -0.41 6.73
N MSE A 317 14.64 -0.62 5.50
CA MSE A 317 14.86 -1.87 4.77
C MSE A 317 16.32 -2.34 4.75
O MSE A 317 16.60 -3.53 4.91
CB MSE A 317 14.35 -1.77 3.33
CG MSE A 317 12.85 -1.69 3.17
SE MSE A 317 12.04 -3.42 3.58
CE MSE A 317 11.75 -3.19 5.47
N HIS A 318 17.25 -1.41 4.52
CA HIS A 318 18.64 -1.80 4.32
C HIS A 318 19.33 -2.17 5.65
N LEU A 319 18.65 -1.86 6.75
CA LEU A 319 19.20 -2.07 8.10
C LEU A 319 18.55 -3.27 8.78
N GLN A 320 17.62 -3.92 8.08
CA GLN A 320 17.00 -5.15 8.58
C GLN A 320 17.96 -6.33 8.52
N PRO A 321 17.88 -7.24 9.52
CA PRO A 321 18.77 -8.41 9.48
C PRO A 321 18.63 -9.19 8.16
N ALA A 322 17.41 -9.28 7.63
CA ALA A 322 17.19 -10.02 6.38
C ALA A 322 17.96 -9.43 5.21
N ALA A 323 18.23 -8.14 5.26
CA ALA A 323 18.86 -7.42 4.15
C ALA A 323 20.39 -7.40 4.19
N LYS A 324 20.96 -8.02 5.22
CA LYS A 324 22.41 -8.01 5.44
C LYS A 324 23.20 -8.32 4.17
N SER A 325 22.83 -9.38 3.46
CA SER A 325 23.61 -9.83 2.31
C SER A 325 23.51 -8.89 1.09
N LEU A 326 22.60 -7.92 1.14
CA LEU A 326 22.52 -6.93 0.07
C LEU A 326 23.72 -5.98 0.09
N GLY A 327 24.38 -5.88 1.23
CA GLY A 327 25.62 -5.14 1.33
C GLY A 327 25.51 -3.63 1.55
N TYR A 328 24.32 -3.14 1.89
CA TYR A 328 24.17 -1.72 2.21
C TYR A 328 24.65 -1.43 3.63
N GLN A 329 24.92 -0.15 3.90
CA GLN A 329 25.41 0.28 5.21
C GLN A 329 24.66 1.53 5.65
N GLN A 330 24.62 1.76 6.95
CA GLN A 330 24.04 2.98 7.48
C GLN A 330 24.77 4.18 6.89
N GLY A 331 24.01 5.11 6.33
CA GLY A 331 24.58 6.23 5.62
C GLY A 331 24.25 6.20 4.14
N ASP A 332 23.91 5.02 3.63
CA ASP A 332 23.60 4.87 2.22
C ASP A 332 22.32 5.59 1.84
N PHE A 333 21.34 5.59 2.75
CA PHE A 333 20.01 6.14 2.46
C PHE A 333 19.57 7.11 3.56
N PRO A 334 20.09 8.34 3.51
CA PRO A 334 19.86 9.35 4.56
C PRO A 334 18.38 9.63 4.84
N MSE A 335 17.56 9.72 3.79
CA MSE A 335 16.14 10.00 4.01
C MSE A 335 15.47 8.82 4.72
O MSE A 335 14.74 9.01 5.71
CB MSE A 335 15.41 10.34 2.70
CG MSE A 335 15.79 11.71 2.14
SE MSE A 335 15.23 13.16 3.31
CE MSE A 335 13.31 13.01 3.07
N ALA A 336 15.72 7.60 4.25
CA ALA A 336 15.10 6.42 4.85
C ALA A 336 15.59 6.23 6.28
N GLU A 337 16.82 6.68 6.54
CA GLU A 337 17.39 6.55 7.88
C GLU A 337 16.82 7.58 8.84
N LYS A 338 16.73 8.83 8.38
CA LYS A 338 16.10 9.87 9.18
C LYS A 338 14.64 9.51 9.46
N HIS A 339 14.00 8.84 8.51
CA HIS A 339 12.61 8.40 8.67
C HIS A 339 12.45 7.56 9.93
N GLY A 340 13.30 6.55 10.09
CA GLY A 340 13.20 5.66 11.23
C GLY A 340 13.36 6.41 12.54
N GLU A 341 14.18 7.45 12.51
CA GLU A 341 14.44 8.24 13.71
C GLU A 341 13.33 9.22 14.05
N ALA A 342 12.63 9.73 13.02
CA ALA A 342 11.79 10.90 13.19
C ALA A 342 10.28 10.70 13.05
N VAL A 343 9.83 9.59 12.47
CA VAL A 343 8.40 9.50 12.13
C VAL A 343 7.51 9.03 13.26
N ILE A 344 6.27 9.48 13.21
CA ILE A 344 5.21 8.95 14.07
C ILE A 344 3.94 8.93 13.25
N THR A 345 3.05 7.99 13.55
CA THR A 345 1.78 7.88 12.87
C THR A 345 0.67 8.17 13.86
N LEU A 346 -0.23 9.10 13.52
CA LEU A 346 -1.38 9.41 14.36
C LEU A 346 -2.59 8.59 13.91
N PRO A 347 -3.41 8.11 14.86
CA PRO A 347 -4.70 7.57 14.44
C PRO A 347 -5.38 8.63 13.57
N ALA A 348 -5.95 8.23 12.44
CA ALA A 348 -6.44 9.21 11.47
C ALA A 348 -7.56 8.64 10.63
N HIS A 349 -8.18 7.57 11.11
CA HIS A 349 -9.22 6.87 10.36
C HIS A 349 -10.58 7.54 10.50
N PRO A 350 -11.47 7.31 9.53
CA PRO A 350 -12.76 8.01 9.48
C PRO A 350 -13.81 7.46 10.46
N TYR A 351 -13.43 6.53 11.33
CA TYR A 351 -14.33 6.10 12.40
C TYR A 351 -14.01 6.81 13.71
N LEU A 352 -12.99 7.67 13.67
CA LEU A 352 -12.71 8.57 14.79
C LEU A 352 -13.86 9.57 14.96
N THR A 353 -14.16 9.94 16.19
CA THR A 353 -15.15 10.98 16.42
C THR A 353 -14.49 12.35 16.35
N GLU A 354 -15.31 13.39 16.26
CA GLU A 354 -14.79 14.74 16.19
C GLU A 354 -14.00 15.06 17.45
N GLU A 355 -14.52 14.60 18.59
CA GLU A 355 -13.86 14.78 19.88
C GLU A 355 -12.49 14.11 19.93
N GLU A 356 -12.41 12.91 19.36
CA GLU A 356 -11.16 12.17 19.34
C GLU A 356 -10.13 12.89 18.47
N ILE A 357 -10.57 13.37 17.31
CA ILE A 357 -9.65 14.05 16.42
C ILE A 357 -9.12 15.33 17.07
N ASN A 358 -10.02 16.08 17.71
CA ASN A 358 -9.63 17.30 18.39
C ASN A 358 -8.68 17.01 19.56
N TYR A 359 -8.92 15.90 20.25
CA TYR A 359 -8.07 15.52 21.38
C TYR A 359 -6.65 15.20 20.93
N ILE A 360 -6.51 14.47 19.82
CA ILE A 360 -5.19 14.19 19.27
C ILE A 360 -4.45 15.48 18.92
N ILE A 361 -5.14 16.39 18.23
CA ILE A 361 -4.55 17.66 17.87
C ILE A 361 -4.11 18.41 19.14
N LYS A 362 -4.99 18.45 20.13
CA LYS A 362 -4.68 19.14 21.39
C LYS A 362 -3.43 18.58 22.05
N LYS A 363 -3.35 17.26 22.15
CA LYS A 363 -2.25 16.61 22.84
C LYS A 363 -0.92 16.74 22.09
N VAL A 364 -0.96 16.63 20.76
CA VAL A 364 0.24 16.84 19.96
C VAL A 364 0.78 18.27 20.15
N ARG A 365 -0.09 19.26 19.96
CA ARG A 365 0.31 20.65 20.20
C ARG A 365 0.83 20.86 21.63
N GLU A 366 0.10 20.32 22.60
CA GLU A 366 0.43 20.53 24.00
C GLU A 366 1.83 20.03 24.35
N PHE A 367 2.21 18.88 23.80
CA PHE A 367 3.53 18.32 24.06
C PHE A 367 4.62 19.34 23.78
N TYR A 368 4.52 20.01 22.63
CA TYR A 368 5.52 20.97 22.20
C TYR A 368 5.32 22.34 22.86
N LEU A 369 4.09 22.82 22.89
CA LEU A 369 3.80 24.14 23.46
C LEU A 369 4.13 24.23 24.95
N GLU A 370 3.95 23.14 25.69
N GLU A 370 3.95 23.15 25.68
CA GLU A 370 4.27 23.12 27.11
CA GLU A 370 4.26 23.12 27.11
C GLU A 370 5.65 22.54 27.37
C GLU A 370 5.65 22.53 27.37
N LYS A 371 6.40 22.30 26.29
CA LYS A 371 7.77 21.80 26.37
C LYS A 371 7.93 20.54 27.23
N HIS A 372 7.06 19.56 27.01
CA HIS A 372 7.14 18.29 27.72
C HIS A 372 8.36 17.48 27.31
N TYR A 373 9.07 17.95 26.29
CA TYR A 373 10.32 17.30 25.89
C TYR A 373 11.48 17.66 26.82
N ASN A 374 11.26 18.65 27.69
CA ASN A 374 12.26 19.03 28.68
C ASN A 374 12.08 18.31 30.02
C1 DIO B . 10.32 -2.37 8.42
C2 DIO B . 9.40 -4.13 9.59
C1' DIO B . 9.15 -2.40 7.48
C2' DIO B . 8.24 -4.12 8.64
O1 DIO B . 9.98 -2.89 9.66
O1' DIO B . 8.57 -3.64 7.40
NA NA C . 8.23 12.19 -5.86
NA NA D . -10.91 -16.51 4.16
NA NA E . -6.77 1.59 6.53
C1 EDO F . -5.05 4.31 11.57
O1 EDO F . -5.64 5.60 11.32
C2 EDO F . -5.97 3.21 11.06
O2 EDO F . -6.20 3.40 9.64
N1 PMP G . 3.35 -3.50 -0.02
C2 PMP G . 3.13 -2.61 1.01
C2A PMP G . 3.69 -1.21 0.92
C3 PMP G . 2.31 -2.98 2.08
O3 PMP G . 2.00 -2.07 3.07
C4 PMP G . 1.81 -4.28 2.16
C4A PMP G . 1.01 -4.71 3.35
N4A PMP G . -0.40 -4.70 3.03
C5 PMP G . 2.13 -5.20 1.15
C6 PMP G . 2.90 -4.78 0.06
C5A PMP G . 1.69 -6.64 1.22
O4P PMP G . 0.28 -6.78 1.24
P PMP G . -0.34 -8.11 1.92
O1P PMP G . -0.33 -7.86 3.40
O2P PMP G . 0.52 -9.27 1.54
O3P PMP G . -1.76 -8.30 1.41
#